data_5U2P
#
_entry.id   5U2P
#
_cell.length_a   55.925
_cell.length_b   55.925
_cell.length_c   237.632
_cell.angle_alpha   90.00
_cell.angle_beta   90.00
_cell.angle_gamma   120.00
#
_symmetry.space_group_name_H-M   'P 31 2 1'
#
loop_
_entity.id
_entity.type
_entity.pdbx_description
1 polymer 'Sugar ABC transporter substrate-binding protein'
2 non-polymer 'BROMIDE ION'
3 non-polymer 'CHLORIDE ION'
4 non-polymer 1,2-ETHANEDIOL
5 water water
#
_entity_poly.entity_id   1
_entity_poly.type   'polypeptide(L)'
_entity_poly.pdbx_seq_one_letter_code
;MGSDKIHHHHHHENLYFQGHGSKEKGKEEEPVRLSVLIREKHYSSGLQNVFTKLELEEGIAVTVETIQDDQYPTVLHARL
ADGTAPDVVEVSLPSLHALDPYLYFVDLSKEAWIPDLLIPPTDPYGKTFALPLNCAVSINALFYNKDLFDRYGISEPKSW
NELLESCALIVKSGISIVPLALSTTESFPHTLLADAITKVLGEQGARDLVKRATDDSIDWTHERALYPVLGAYLELFKRG
YVNKHHRTARVREIIHDFTRDRIAMYFGSHLVADAIIKERPGINLGACVLPITENAQDVLTGSLEVQGLAVHKKSARVAT
ACRALSVLASAAYQNSFFEEHKGLPAFRNTTSAVIPACLSALFKSHIEKGKVIQAIDAYAQAQNTPHRASVFPDFAAYVT
DPAPTAHTMLHRAQTEARRRREPVQKKE
;
_entity_poly.pdbx_strand_id   A
#
loop_
_chem_comp.id
_chem_comp.type
_chem_comp.name
_chem_comp.formula
BR non-polymer 'BROMIDE ION' 'Br -1'
CL non-polymer 'CHLORIDE ION' 'Cl -1'
EDO non-polymer 1,2-ETHANEDIOL 'C2 H6 O2'
#
# COMPACT_ATOMS: atom_id res chain seq x y z
N VAL A 32 -5.64 28.25 23.55
CA VAL A 32 -5.86 26.95 24.15
C VAL A 32 -4.55 26.18 24.26
N ARG A 33 -4.63 24.96 24.80
CA ARG A 33 -3.50 24.07 24.86
C ARG A 33 -3.88 22.75 24.19
N LEU A 34 -2.87 22.10 23.62
CA LEU A 34 -3.02 20.76 23.05
C LEU A 34 -1.76 19.95 23.34
N SER A 35 -1.95 18.71 23.80
CA SER A 35 -0.85 17.80 24.00
C SER A 35 -0.86 16.77 22.88
N VAL A 36 0.34 16.36 22.48
CA VAL A 36 0.54 15.41 21.40
C VAL A 36 1.53 14.33 21.80
N LEU A 37 1.25 13.10 21.38
CA LEU A 37 2.18 11.98 21.51
C LEU A 37 2.56 11.51 20.11
N ILE A 38 3.85 11.36 19.86
CA ILE A 38 4.33 10.97 18.54
C ILE A 38 5.58 10.10 18.62
N ARG A 39 5.84 9.32 17.57
CA ARG A 39 7.06 8.54 17.48
C ARG A 39 8.25 9.46 17.25
N GLU A 40 9.33 9.18 17.96
CA GLU A 40 10.56 9.95 17.86
C GLU A 40 10.96 10.20 16.40
N LYS A 41 11.09 9.13 15.62
CA LYS A 41 11.59 9.25 14.25
C LYS A 41 10.55 9.82 13.30
N HIS A 42 9.32 10.01 13.78
CA HIS A 42 8.27 10.56 12.95
C HIS A 42 8.02 12.04 13.27
N TYR A 43 8.70 12.54 14.30
CA TYR A 43 8.58 13.96 14.68
C TYR A 43 9.47 14.79 13.78
N SER A 44 9.07 14.89 12.52
CA SER A 44 9.89 15.50 11.50
C SER A 44 9.90 17.03 11.60
N SER A 45 10.78 17.66 10.83
CA SER A 45 10.76 19.10 10.72
C SER A 45 9.41 19.52 10.15
N GLY A 46 8.83 18.67 9.30
CA GLY A 46 7.51 18.94 8.73
C GLY A 46 6.47 19.17 9.81
N LEU A 47 6.34 18.21 10.71
CA LEU A 47 5.38 18.34 11.81
C LEU A 47 5.77 19.43 12.80
N GLN A 48 7.05 19.63 13.04
CA GLN A 48 7.46 20.68 13.96
C GLN A 48 6.97 22.03 13.50
N ASN A 49 7.19 22.30 12.22
CA ASN A 49 6.84 23.59 11.65
C ASN A 49 5.33 23.73 11.57
N VAL A 50 4.65 22.60 11.33
CA VAL A 50 3.21 22.55 11.36
C VAL A 50 2.69 23.01 12.73
N PHE A 51 3.23 22.43 13.79
CA PHE A 51 2.78 22.77 15.13
C PHE A 51 3.21 24.19 15.51
N THR A 52 4.33 24.66 14.95
CA THR A 52 4.78 26.02 15.22
C THR A 52 3.82 27.02 14.61
N LYS A 53 3.38 26.75 13.38
CA LYS A 53 2.37 27.58 12.71
C LYS A 53 1.08 27.58 13.47
N LEU A 54 0.70 26.43 13.99
CA LEU A 54 -0.53 26.33 14.71
C LEU A 54 -0.53 27.26 15.92
N GLU A 55 0.57 27.27 16.65
CA GLU A 55 0.68 28.10 17.84
C GLU A 55 0.72 29.58 17.46
N LEU A 56 1.42 29.87 16.37
CA LEU A 56 1.65 31.24 15.96
C LEU A 56 0.37 31.86 15.39
N GLU A 57 -0.35 31.10 14.58
CA GLU A 57 -1.51 31.62 13.85
C GLU A 57 -2.85 31.31 14.49
N GLU A 58 -2.94 30.21 15.24
CA GLU A 58 -4.24 29.73 15.70
C GLU A 58 -4.38 29.82 17.22
N GLY A 59 -3.31 30.23 17.88
CA GLY A 59 -3.28 30.40 19.32
C GLY A 59 -3.48 29.08 20.04
N ILE A 60 -2.92 28.02 19.47
CA ILE A 60 -2.98 26.71 20.13
C ILE A 60 -1.55 26.33 20.52
N ALA A 61 -1.25 26.45 21.81
CA ALA A 61 0.06 26.03 22.32
C ALA A 61 0.15 24.50 22.33
N VAL A 62 0.94 23.95 21.41
CA VAL A 62 1.13 22.52 21.32
C VAL A 62 2.36 22.07 22.10
N THR A 63 2.18 21.07 22.96
CA THR A 63 3.30 20.41 23.63
C THR A 63 3.42 18.99 23.09
N VAL A 64 4.60 18.66 22.59
CA VAL A 64 4.86 17.35 21.98
C VAL A 64 5.68 16.45 22.89
N GLU A 65 5.22 15.22 23.02
CA GLU A 65 5.89 14.18 23.78
C GLU A 65 6.31 13.07 22.82
N THR A 66 7.61 12.87 22.62
CA THR A 66 8.08 11.83 21.70
C THR A 66 8.43 10.55 22.42
N ILE A 67 8.20 9.43 21.74
CA ILE A 67 8.54 8.13 22.27
C ILE A 67 9.43 7.39 21.27
N GLN A 68 10.47 6.75 21.79
CA GLN A 68 11.35 5.90 21.01
C GLN A 68 10.51 4.88 20.24
N ASP A 69 10.76 4.77 18.95
CA ASP A 69 9.82 4.10 18.03
C ASP A 69 9.47 2.68 18.43
N ASP A 70 10.48 1.89 18.80
CA ASP A 70 10.25 0.50 19.15
C ASP A 70 9.38 0.38 20.41
N GLN A 71 9.22 1.49 21.13
CA GLN A 71 8.48 1.50 22.39
C GLN A 71 7.10 2.12 22.24
N TYR A 72 6.86 2.80 21.11
CA TYR A 72 5.69 3.65 20.99
C TYR A 72 4.36 2.88 21.15
N PRO A 73 4.20 1.73 20.48
CA PRO A 73 2.92 1.04 20.63
C PRO A 73 2.66 0.62 22.08
N THR A 74 3.70 0.14 22.76
CA THR A 74 3.59 -0.21 24.18
C THR A 74 3.17 1.00 25.02
N VAL A 75 3.85 2.12 24.81
CA VAL A 75 3.57 3.34 25.57
C VAL A 75 2.17 3.87 25.30
N LEU A 76 1.79 3.96 24.02
CA LEU A 76 0.45 4.47 23.69
C LEU A 76 -0.64 3.61 24.33
N HIS A 77 -0.51 2.28 24.24
CA HIS A 77 -1.48 1.36 24.85
C HIS A 77 -1.63 1.67 26.34
N ALA A 78 -0.50 1.74 27.03
CA ALA A 78 -0.49 2.00 28.47
C ALA A 78 -1.16 3.32 28.83
N ARG A 79 -0.86 4.38 28.06
CA ARG A 79 -1.40 5.70 28.33
C ARG A 79 -2.90 5.79 28.01
N LEU A 80 -3.35 5.04 27.02
CA LEU A 80 -4.78 4.97 26.72
C LEU A 80 -5.50 4.22 27.85
N ALA A 81 -4.86 3.15 28.30
CA ALA A 81 -5.42 2.29 29.35
C ALA A 81 -5.59 3.02 30.67
N ASP A 82 -4.59 3.82 31.07
CA ASP A 82 -4.69 4.57 32.33
C ASP A 82 -5.30 5.96 32.15
N GLY A 83 -5.65 6.32 30.91
CA GLY A 83 -6.40 7.52 30.62
C GLY A 83 -5.58 8.80 30.62
N THR A 84 -4.26 8.66 30.67
CA THR A 84 -3.38 9.82 30.72
C THR A 84 -2.88 10.23 29.33
N ALA A 85 -3.32 9.53 28.28
CA ALA A 85 -2.83 9.78 26.93
C ALA A 85 -3.05 11.23 26.54
N PRO A 86 -2.13 11.78 25.74
CA PRO A 86 -2.29 13.14 25.20
C PRO A 86 -3.55 13.33 24.33
N ASP A 87 -3.89 14.58 24.04
CA ASP A 87 -5.12 14.88 23.31
C ASP A 87 -5.10 14.34 21.86
N VAL A 88 -3.92 14.43 21.24
CA VAL A 88 -3.69 13.95 19.88
C VAL A 88 -2.58 12.91 19.92
N VAL A 89 -2.80 11.75 19.30
CA VAL A 89 -1.80 10.68 19.33
C VAL A 89 -1.56 10.15 17.92
N GLU A 90 -0.29 9.88 17.61
CA GLU A 90 0.05 9.20 16.39
C GLU A 90 -0.45 7.75 16.42
N VAL A 91 -1.03 7.30 15.30
CA VAL A 91 -1.49 5.93 15.17
C VAL A 91 -1.03 5.36 13.85
N SER A 92 -0.93 4.03 13.81
CA SER A 92 -0.66 3.30 12.60
C SER A 92 -1.95 2.87 11.94
N LEU A 93 -2.18 3.38 10.75
CA LEU A 93 -3.33 3.01 9.93
C LEU A 93 -2.91 1.83 9.06
N PRO A 94 -3.88 0.98 8.67
CA PRO A 94 -5.31 1.08 9.00
C PRO A 94 -5.70 0.39 10.30
N SER A 95 -4.82 -0.43 10.87
CA SER A 95 -5.27 -1.36 11.91
C SER A 95 -5.18 -0.83 13.35
N LEU A 96 -4.58 0.34 13.54
CA LEU A 96 -4.55 1.02 14.85
C LEU A 96 -3.94 0.19 15.98
N HIS A 97 -2.90 -0.58 15.67
CA HIS A 97 -2.26 -1.43 16.67
C HIS A 97 -3.28 -2.33 17.39
N ALA A 98 -4.34 -2.74 16.68
CA ALA A 98 -5.39 -3.60 17.24
C ALA A 98 -6.18 -2.97 18.39
N LEU A 99 -6.02 -1.66 18.58
CA LEU A 99 -6.79 -0.91 19.56
C LEU A 99 -8.26 -0.77 19.13
N ASP A 100 -9.18 -0.77 20.09
CA ASP A 100 -10.59 -0.53 19.79
C ASP A 100 -10.86 0.96 19.64
N PRO A 101 -11.03 1.44 18.39
CA PRO A 101 -11.20 2.89 18.25
C PRO A 101 -12.47 3.45 18.90
N TYR A 102 -13.48 2.60 19.11
CA TYR A 102 -14.75 3.08 19.68
C TYR A 102 -14.60 3.32 21.18
N LEU A 103 -13.53 2.76 21.75
CA LEU A 103 -13.15 3.02 23.14
C LEU A 103 -12.27 4.24 23.32
N TYR A 104 -11.38 4.48 22.35
CA TYR A 104 -10.28 5.42 22.59
C TYR A 104 -10.22 6.63 21.68
N PHE A 105 -10.80 6.55 20.48
CA PHE A 105 -10.61 7.62 19.49
C PHE A 105 -11.89 8.28 19.01
N VAL A 106 -11.78 9.55 18.65
CA VAL A 106 -12.91 10.28 18.09
C VAL A 106 -13.16 9.87 16.64
N ASP A 107 -14.40 9.54 16.31
CA ASP A 107 -14.77 9.23 14.93
C ASP A 107 -14.77 10.49 14.09
N LEU A 108 -13.83 10.56 13.12
CA LEU A 108 -13.63 11.77 12.33
C LEU A 108 -14.36 11.70 10.99
N SER A 109 -15.19 10.66 10.82
CA SER A 109 -15.77 10.35 9.51
C SER A 109 -16.64 11.48 8.95
N LYS A 110 -17.15 12.31 9.83
CA LYS A 110 -18.06 13.40 9.49
C LYS A 110 -17.37 14.77 9.45
N GLU A 111 -16.06 14.82 9.64
CA GLU A 111 -15.36 16.11 9.62
C GLU A 111 -15.39 16.67 8.20
N ALA A 112 -15.37 17.99 8.11
CA ALA A 112 -15.52 18.68 6.83
C ALA A 112 -14.41 18.41 5.84
N TRP A 113 -13.26 17.96 6.32
CA TRP A 113 -12.11 17.72 5.43
C TRP A 113 -12.05 16.30 4.86
N ILE A 114 -12.92 15.39 5.33
CA ILE A 114 -12.90 14.02 4.83
C ILE A 114 -13.04 13.92 3.31
N PRO A 115 -13.91 14.75 2.69
CA PRO A 115 -13.99 14.69 1.22
C PRO A 115 -12.72 15.08 0.46
N ASP A 116 -11.80 15.75 1.15
CA ASP A 116 -10.55 16.20 0.52
C ASP A 116 -9.48 15.11 0.54
N LEU A 117 -9.71 14.04 1.30
CA LEU A 117 -8.77 12.93 1.31
C LEU A 117 -8.77 12.17 -0.01
N LEU A 118 -7.59 11.72 -0.44
CA LEU A 118 -7.49 10.93 -1.66
C LEU A 118 -8.00 9.51 -1.43
N ILE A 119 -7.52 8.88 -0.36
CA ILE A 119 -7.87 7.51 -0.01
C ILE A 119 -8.22 7.47 1.48
N PRO A 120 -9.47 7.79 1.83
CA PRO A 120 -9.76 7.89 3.27
C PRO A 120 -9.44 6.58 4.00
N PRO A 121 -8.67 6.66 5.09
CA PRO A 121 -8.48 5.49 5.93
C PRO A 121 -9.80 5.00 6.49
N THR A 122 -9.97 3.68 6.58
CA THR A 122 -11.20 3.14 7.15
C THR A 122 -10.93 1.94 8.06
N ASP A 123 -11.73 1.84 9.12
CA ASP A 123 -11.81 0.65 9.94
C ASP A 123 -12.72 -0.34 9.22
N PRO A 124 -12.99 -1.50 9.84
CA PRO A 124 -13.75 -2.49 9.06
C PRO A 124 -15.22 -2.10 8.85
N TYR A 125 -15.65 -1.02 9.51
CA TYR A 125 -17.00 -0.48 9.35
C TYR A 125 -17.01 0.70 8.40
N GLY A 126 -15.84 1.10 7.92
CA GLY A 126 -15.78 2.20 6.96
C GLY A 126 -15.55 3.57 7.58
N LYS A 127 -15.18 3.60 8.85
CA LYS A 127 -15.07 4.87 9.59
C LYS A 127 -13.63 5.34 9.68
N THR A 128 -13.44 6.65 9.68
CA THR A 128 -12.10 7.25 9.65
C THR A 128 -11.77 7.76 11.04
N PHE A 129 -10.69 7.27 11.63
CA PHE A 129 -10.34 7.64 13.02
C PHE A 129 -9.02 8.42 13.15
N ALA A 130 -8.43 8.85 12.03
CA ALA A 130 -7.24 9.68 12.13
C ALA A 130 -7.08 10.53 10.87
N LEU A 131 -6.42 11.66 11.03
CA LEU A 131 -5.94 12.43 9.90
C LEU A 131 -4.62 11.81 9.39
N PRO A 132 -4.61 11.29 8.16
CA PRO A 132 -3.42 10.61 7.64
C PRO A 132 -2.39 11.58 7.12
N LEU A 133 -1.12 11.20 7.22
CA LEU A 133 -0.01 12.01 6.72
C LEU A 133 0.36 11.71 5.27
N ASN A 134 -0.16 10.60 4.74
CA ASN A 134 0.01 10.17 3.35
C ASN A 134 -1.22 9.39 2.92
N CYS A 135 -1.53 9.31 1.62
CA CYS A 135 -2.66 8.49 1.19
C CYS A 135 -2.29 7.00 1.16
N ALA A 136 -1.01 6.73 0.93
CA ALA A 136 -0.52 5.36 0.74
C ALA A 136 0.97 5.35 0.87
N VAL A 137 1.51 4.22 1.30
CA VAL A 137 2.96 4.01 1.36
C VAL A 137 3.51 3.59 0.00
N SER A 138 2.77 2.72 -0.65
CA SER A 138 3.18 2.03 -1.86
C SER A 138 1.97 1.79 -2.75
N ILE A 139 2.10 2.05 -4.04
CA ILE A 139 1.08 1.70 -5.04
C ILE A 139 1.66 0.61 -5.95
N ASN A 140 0.94 -0.49 -6.13
CA ASN A 140 1.36 -1.55 -7.06
C ASN A 140 0.87 -1.28 -8.45
N ALA A 141 1.77 -1.36 -9.42
CA ALA A 141 1.39 -1.21 -10.81
C ALA A 141 2.35 -1.95 -11.74
N LEU A 142 1.96 -2.05 -12.99
CA LEU A 142 2.81 -2.57 -14.07
C LEU A 142 3.58 -1.41 -14.66
N PHE A 143 4.87 -1.40 -14.40
CA PHE A 143 5.76 -0.38 -14.95
C PHE A 143 6.47 -0.94 -16.17
N TYR A 144 6.55 -0.15 -17.22
CA TYR A 144 7.16 -0.62 -18.44
C TYR A 144 8.01 0.44 -19.12
N ASN A 145 8.96 -0.08 -19.90
CA ASN A 145 9.90 0.74 -20.66
C ASN A 145 9.28 1.13 -22.00
N LYS A 146 8.79 2.37 -22.07
CA LYS A 146 8.07 2.87 -23.26
C LYS A 146 8.90 2.78 -24.54
N ASP A 147 10.22 2.95 -24.43
CA ASP A 147 11.09 2.92 -25.60
C ASP A 147 11.19 1.52 -26.15
N LEU A 148 11.34 0.53 -25.28
CA LEU A 148 11.38 -0.87 -25.72
C LEU A 148 10.05 -1.27 -26.32
N PHE A 149 8.96 -0.83 -25.70
CA PHE A 149 7.63 -1.10 -26.23
C PHE A 149 7.49 -0.55 -27.64
N ASP A 150 8.01 0.66 -27.87
CA ASP A 150 7.94 1.28 -29.19
C ASP A 150 8.80 0.51 -30.18
N ARG A 151 10.01 0.16 -29.77
CA ARG A 151 10.96 -0.54 -30.63
C ARG A 151 10.35 -1.81 -31.22
N TYR A 152 9.75 -2.63 -30.35
CA TYR A 152 9.22 -3.92 -30.76
C TYR A 152 7.73 -3.87 -31.02
N GLY A 153 7.21 -2.67 -31.26
CA GLY A 153 5.82 -2.50 -31.63
C GLY A 153 4.84 -3.07 -30.62
N ILE A 154 5.19 -2.99 -29.34
CA ILE A 154 4.31 -3.46 -28.28
C ILE A 154 3.50 -2.29 -27.73
N SER A 155 2.21 -2.55 -27.50
CA SER A 155 1.29 -1.55 -26.99
C SER A 155 1.02 -1.80 -25.51
N GLU A 156 0.63 -0.77 -24.79
CA GLU A 156 0.29 -0.90 -23.37
C GLU A 156 -0.81 -1.94 -23.21
N PRO A 157 -0.55 -3.02 -22.45
CA PRO A 157 -1.56 -4.08 -22.36
C PRO A 157 -2.77 -3.62 -21.56
N LYS A 158 -3.96 -3.74 -22.14
CA LYS A 158 -5.16 -3.27 -21.45
C LYS A 158 -6.06 -4.42 -21.05
N SER A 159 -5.58 -5.65 -21.22
CA SER A 159 -6.30 -6.86 -20.85
C SER A 159 -5.31 -7.98 -20.60
N TRP A 160 -5.80 -9.10 -20.08
CA TRP A 160 -4.97 -10.27 -19.82
C TRP A 160 -4.34 -10.86 -21.08
N ASN A 161 -5.10 -10.92 -22.17
CA ASN A 161 -4.56 -11.46 -23.40
C ASN A 161 -3.56 -10.51 -24.03
N GLU A 162 -3.75 -9.21 -23.82
CA GLU A 162 -2.78 -8.25 -24.32
C GLU A 162 -1.47 -8.36 -23.53
N LEU A 163 -1.57 -8.65 -22.24
CA LEU A 163 -0.37 -8.88 -21.43
C LEU A 163 0.38 -10.11 -21.94
N LEU A 164 -0.33 -11.20 -22.17
CA LEU A 164 0.31 -12.42 -22.67
C LEU A 164 0.95 -12.18 -24.03
N GLU A 165 0.26 -11.45 -24.89
CA GLU A 165 0.80 -11.14 -26.22
C GLU A 165 2.04 -10.25 -26.10
N SER A 166 1.96 -9.23 -25.24
CA SER A 166 3.09 -8.35 -25.01
C SER A 166 4.30 -9.16 -24.57
N CYS A 167 4.07 -10.14 -23.70
CA CYS A 167 5.19 -10.97 -23.22
C CYS A 167 5.72 -11.79 -24.37
N ALA A 168 4.80 -12.28 -25.21
CA ALA A 168 5.18 -13.09 -26.36
C ALA A 168 6.09 -12.35 -27.32
N LEU A 169 5.75 -11.10 -27.63
CA LEU A 169 6.56 -10.27 -28.54
C LEU A 169 7.94 -9.98 -27.97
N ILE A 170 8.02 -9.77 -26.66
CA ILE A 170 9.31 -9.54 -26.00
C ILE A 170 10.19 -10.77 -26.15
N VAL A 171 9.61 -11.95 -25.94
CA VAL A 171 10.35 -13.19 -26.08
C VAL A 171 10.78 -13.39 -27.54
N LYS A 172 9.98 -12.90 -28.48
CA LYS A 172 10.34 -12.96 -29.89
C LYS A 172 11.55 -12.10 -30.18
N SER A 173 11.63 -10.95 -29.51
CA SER A 173 12.72 -10.00 -29.73
C SER A 173 14.01 -10.43 -29.04
N ILE A 177 15.89 -10.14 -23.05
CA ILE A 177 15.03 -9.24 -22.29
C ILE A 177 13.94 -10.01 -21.56
N VAL A 178 13.99 -10.00 -20.23
CA VAL A 178 13.02 -10.72 -19.44
C VAL A 178 11.66 -10.05 -19.59
N PRO A 179 10.60 -10.85 -19.81
CA PRO A 179 9.35 -10.19 -20.18
C PRO A 179 8.70 -9.46 -19.00
N LEU A 180 8.48 -10.17 -17.91
CA LEU A 180 7.85 -9.59 -16.71
C LEU A 180 8.69 -9.91 -15.47
N ALA A 181 9.40 -8.90 -14.99
CA ALA A 181 10.24 -9.01 -13.82
C ALA A 181 9.49 -8.73 -12.50
N LEU A 182 9.91 -9.47 -11.49
CA LEU A 182 9.39 -9.38 -10.12
C LEU A 182 10.55 -9.33 -9.16
N SER A 183 10.38 -8.61 -8.06
CA SER A 183 11.41 -8.51 -7.04
C SER A 183 11.00 -9.17 -5.74
N THR A 184 11.99 -9.60 -4.98
CA THR A 184 11.74 -10.36 -3.77
C THR A 184 11.12 -9.48 -2.69
N THR A 185 10.27 -10.09 -1.86
CA THR A 185 9.71 -9.42 -0.71
C THR A 185 9.93 -10.28 0.54
N GLU A 186 9.61 -9.69 1.68
CA GLU A 186 9.63 -10.36 2.99
C GLU A 186 8.23 -10.83 3.42
N SER A 187 7.33 -11.01 2.45
CA SER A 187 5.96 -11.46 2.74
C SER A 187 5.44 -12.50 1.76
N PHE A 188 4.40 -13.22 2.19
CA PHE A 188 3.66 -14.12 1.32
C PHE A 188 2.22 -13.61 1.27
N PRO A 189 1.53 -13.84 0.15
CA PRO A 189 2.07 -14.33 -1.11
C PRO A 189 2.88 -13.20 -1.73
N HIS A 190 3.58 -13.48 -2.82
CA HIS A 190 4.29 -12.43 -3.52
C HIS A 190 3.32 -11.34 -4.02
N THR A 191 3.83 -10.12 -4.14
CA THR A 191 3.08 -8.97 -4.63
C THR A 191 2.14 -9.21 -5.81
N LEU A 192 2.62 -9.94 -6.82
CA LEU A 192 1.84 -10.21 -8.01
C LEU A 192 0.55 -10.96 -7.67
N LEU A 193 0.70 -12.08 -6.97
CA LEU A 193 -0.48 -12.85 -6.61
C LEU A 193 -1.31 -12.10 -5.56
N ALA A 194 -0.65 -11.40 -4.65
CA ALA A 194 -1.35 -10.60 -3.64
C ALA A 194 -2.26 -9.56 -4.30
N ASP A 195 -1.73 -8.86 -5.29
CA ASP A 195 -2.51 -7.88 -6.03
C ASP A 195 -3.76 -8.51 -6.62
N ALA A 196 -3.58 -9.63 -7.32
CA ALA A 196 -4.69 -10.25 -8.02
C ALA A 196 -5.73 -10.83 -7.08
N ILE A 197 -5.29 -11.50 -6.02
CA ILE A 197 -6.23 -12.04 -5.02
C ILE A 197 -7.04 -10.90 -4.41
N THR A 198 -6.35 -9.80 -4.14
CA THR A 198 -6.98 -8.68 -3.44
C THR A 198 -8.07 -8.09 -4.33
N LYS A 199 -7.77 -7.96 -5.62
CA LYS A 199 -8.73 -7.36 -6.55
C LYS A 199 -9.97 -8.23 -6.75
N VAL A 200 -9.81 -9.54 -6.87
N VAL A 200 -9.82 -9.54 -6.87
CA VAL A 200 -10.98 -10.37 -7.11
CA VAL A 200 -11.00 -10.38 -7.11
C VAL A 200 -11.88 -10.38 -5.87
C VAL A 200 -11.88 -10.38 -5.87
N LEU A 201 -11.29 -10.32 -4.69
CA LEU A 201 -12.06 -10.36 -3.44
C LEU A 201 -12.66 -9.02 -3.02
N GLY A 202 -12.05 -7.92 -3.44
CA GLY A 202 -12.49 -6.60 -3.00
C GLY A 202 -12.09 -6.25 -1.58
N GLU A 203 -12.48 -5.05 -1.14
CA GLU A 203 -12.02 -4.52 0.13
C GLU A 203 -12.45 -5.36 1.33
N GLN A 204 -13.73 -5.72 1.40
CA GLN A 204 -14.21 -6.58 2.49
C GLN A 204 -13.65 -8.00 2.41
N GLY A 205 -13.74 -8.60 1.22
CA GLY A 205 -13.26 -9.94 1.00
C GLY A 205 -11.79 -10.11 1.34
N ALA A 206 -10.97 -9.13 0.95
CA ALA A 206 -9.55 -9.17 1.24
C ALA A 206 -9.30 -9.08 2.76
N ARG A 207 -9.98 -8.15 3.42
CA ARG A 207 -9.91 -8.09 4.86
C ARG A 207 -10.30 -9.40 5.54
N ASP A 208 -11.40 -10.00 5.09
CA ASP A 208 -11.85 -11.26 5.67
C ASP A 208 -10.83 -12.38 5.46
N LEU A 209 -10.18 -12.39 4.30
CA LEU A 209 -9.18 -13.40 4.02
C LEU A 209 -8.03 -13.29 5.02
N VAL A 210 -7.54 -12.09 5.27
CA VAL A 210 -6.46 -11.90 6.25
C VAL A 210 -6.93 -12.37 7.63
N LYS A 211 -8.17 -12.02 7.96
CA LYS A 211 -8.76 -12.38 9.24
C LYS A 211 -8.78 -13.90 9.44
N ARG A 212 -9.31 -14.62 8.45
CA ARG A 212 -9.49 -16.06 8.64
C ARG A 212 -8.15 -16.78 8.46
N ALA A 213 -7.22 -16.17 7.70
CA ALA A 213 -5.88 -16.74 7.62
C ALA A 213 -5.17 -16.58 8.97
N THR A 214 -5.42 -15.46 9.64
CA THR A 214 -4.72 -15.10 10.86
C THR A 214 -5.24 -15.87 12.08
N ASP A 215 -6.54 -16.12 12.16
CA ASP A 215 -7.10 -16.88 13.28
C ASP A 215 -7.16 -18.39 12.99
N ASP A 216 -6.59 -18.78 11.86
CA ASP A 216 -6.38 -20.19 11.53
C ASP A 216 -7.68 -20.96 11.29
N SER A 217 -8.74 -20.23 10.94
CA SER A 217 -10.02 -20.84 10.62
C SER A 217 -10.16 -21.13 9.13
N ILE A 218 -9.26 -20.58 8.32
CA ILE A 218 -9.36 -20.71 6.87
C ILE A 218 -9.27 -22.16 6.43
N ASP A 219 -10.05 -22.52 5.42
CA ASP A 219 -9.86 -23.78 4.69
C ASP A 219 -9.64 -23.45 3.20
N TRP A 220 -8.39 -23.57 2.75
CA TRP A 220 -8.01 -23.14 1.42
C TRP A 220 -8.79 -23.84 0.31
N THR A 221 -9.29 -25.06 0.56
CA THR A 221 -10.00 -25.79 -0.48
C THR A 221 -11.40 -25.21 -0.71
N HIS A 222 -11.80 -24.30 0.17
CA HIS A 222 -13.05 -23.60 -0.02
C HIS A 222 -12.82 -22.28 -0.80
N GLU A 223 -11.57 -21.90 -1.02
CA GLU A 223 -11.29 -20.59 -1.62
C GLU A 223 -11.35 -20.62 -3.14
N ARG A 224 -12.50 -21.02 -3.70
CA ARG A 224 -12.55 -21.26 -5.14
C ARG A 224 -12.60 -19.93 -5.92
N ALA A 225 -12.82 -18.81 -5.24
CA ALA A 225 -12.75 -17.51 -5.90
C ALA A 225 -11.34 -17.28 -6.42
N LEU A 226 -10.35 -17.90 -5.77
CA LEU A 226 -8.94 -17.78 -6.14
C LEU A 226 -8.52 -18.67 -7.29
N TYR A 227 -9.39 -19.63 -7.68
CA TYR A 227 -9.06 -20.57 -8.75
C TYR A 227 -8.58 -19.89 -10.05
N PRO A 228 -9.33 -18.90 -10.56
CA PRO A 228 -8.89 -18.26 -11.80
C PRO A 228 -7.59 -17.46 -11.68
N VAL A 229 -7.31 -16.83 -10.53
N VAL A 229 -7.33 -16.83 -10.54
CA VAL A 229 -6.10 -16.02 -10.43
CA VAL A 229 -6.12 -16.04 -10.42
C VAL A 229 -4.88 -16.91 -10.23
C VAL A 229 -4.90 -16.94 -10.27
N LEU A 230 -5.06 -18.04 -9.55
CA LEU A 230 -3.99 -19.02 -9.45
C LEU A 230 -3.72 -19.57 -10.84
N GLY A 231 -4.78 -19.79 -11.61
CA GLY A 231 -4.65 -20.24 -12.99
C GLY A 231 -3.80 -19.27 -13.82
N ALA A 232 -4.06 -17.98 -13.67
CA ALA A 232 -3.30 -16.93 -14.38
C ALA A 232 -1.83 -16.97 -14.00
N TYR A 233 -1.60 -17.06 -12.70
CA TYR A 233 -0.25 -17.14 -12.13
C TYR A 233 0.52 -18.30 -12.78
N LEU A 234 -0.11 -19.47 -12.75
CA LEU A 234 0.41 -20.68 -13.36
C LEU A 234 0.74 -20.52 -14.84
N GLU A 235 -0.14 -19.83 -15.56
CA GLU A 235 0.06 -19.65 -17.00
C GLU A 235 1.29 -18.80 -17.25
N LEU A 236 1.53 -17.78 -16.41
CA LEU A 236 2.74 -16.96 -16.54
C LEU A 236 4.00 -17.82 -16.35
N PHE A 237 3.98 -18.73 -15.38
CA PHE A 237 5.13 -19.62 -15.14
C PHE A 237 5.28 -20.59 -16.31
N LYS A 238 4.15 -21.13 -16.77
CA LYS A 238 4.10 -22.09 -17.87
C LYS A 238 4.75 -21.57 -19.15
N ARG A 239 4.45 -20.33 -19.51
CA ARG A 239 4.97 -19.73 -20.73
C ARG A 239 6.35 -19.11 -20.52
N GLY A 240 6.86 -19.17 -19.30
CA GLY A 240 8.16 -18.60 -19.00
C GLY A 240 8.19 -17.07 -19.02
N TYR A 241 7.03 -16.45 -18.88
CA TYR A 241 6.94 -15.00 -18.83
C TYR A 241 7.38 -14.44 -17.48
N VAL A 242 7.26 -15.24 -16.42
CA VAL A 242 7.93 -14.94 -15.16
C VAL A 242 8.85 -16.12 -14.86
N ASN A 243 10.02 -15.82 -14.31
CA ASN A 243 11.02 -16.85 -14.02
C ASN A 243 11.08 -17.17 -12.53
N LYS A 244 10.75 -18.41 -12.18
CA LYS A 244 10.75 -18.81 -10.77
C LYS A 244 12.12 -18.58 -10.16
N HIS A 245 13.16 -18.82 -10.95
CA HIS A 245 14.54 -18.77 -10.45
C HIS A 245 15.00 -17.33 -10.22
N HIS A 246 14.25 -16.38 -10.77
CA HIS A 246 14.61 -14.96 -10.66
C HIS A 246 13.79 -14.25 -9.60
N ARG A 247 12.74 -14.90 -9.08
CA ARG A 247 11.84 -14.22 -8.17
C ARG A 247 12.54 -13.77 -6.88
N THR A 248 13.71 -14.33 -6.58
CA THR A 248 14.48 -13.92 -5.39
C THR A 248 15.39 -12.73 -5.67
N ALA A 249 15.23 -12.13 -6.85
CA ALA A 249 16.03 -10.99 -7.27
C ALA A 249 15.76 -9.80 -6.37
N ARG A 250 16.84 -9.19 -5.92
CA ARG A 250 16.74 -8.02 -5.06
C ARG A 250 16.31 -6.80 -5.85
N VAL A 251 15.71 -5.84 -5.17
CA VAL A 251 15.29 -4.60 -5.82
C VAL A 251 16.47 -3.94 -6.53
N ARG A 252 17.64 -3.95 -5.90
CA ARG A 252 18.85 -3.36 -6.50
C ARG A 252 19.17 -4.00 -7.86
N GLU A 253 18.90 -5.29 -7.98
CA GLU A 253 19.17 -6.03 -9.20
C GLU A 253 18.16 -5.68 -10.30
N ILE A 254 16.90 -5.55 -9.93
CA ILE A 254 15.89 -5.08 -10.87
C ILE A 254 16.24 -3.71 -11.41
N ILE A 255 16.63 -2.78 -10.53
CA ILE A 255 17.00 -1.45 -10.96
C ILE A 255 18.18 -1.50 -11.94
N HIS A 256 19.19 -2.29 -11.58
CA HIS A 256 20.37 -2.45 -12.39
C HIS A 256 20.01 -2.91 -13.80
N ASP A 257 19.17 -3.94 -13.87
CA ASP A 257 18.78 -4.50 -15.16
C ASP A 257 17.80 -3.61 -15.92
N PHE A 258 16.86 -2.99 -15.22
CA PHE A 258 15.84 -2.18 -15.89
C PHE A 258 16.48 -0.98 -16.56
N THR A 259 17.46 -0.36 -15.89
CA THR A 259 18.09 0.83 -16.43
C THR A 259 19.05 0.49 -17.55
N ARG A 260 19.33 -0.81 -17.76
CA ARG A 260 20.14 -1.28 -18.89
C ARG A 260 19.30 -1.94 -20.00
N ASP A 261 18.01 -1.63 -20.01
CA ASP A 261 17.08 -2.10 -21.04
C ASP A 261 17.03 -3.63 -21.10
N ARG A 262 17.19 -4.29 -19.96
CA ARG A 262 17.15 -5.77 -19.92
C ARG A 262 15.81 -6.30 -19.40
N ILE A 263 14.91 -5.39 -19.04
CA ILE A 263 13.55 -5.72 -18.58
C ILE A 263 12.47 -4.85 -19.24
N ALA A 264 11.50 -5.50 -19.86
CA ALA A 264 10.43 -4.78 -20.55
C ALA A 264 9.42 -4.24 -19.56
N MET A 265 9.04 -5.09 -18.62
CA MET A 265 7.97 -4.83 -17.66
C MET A 265 8.39 -5.27 -16.26
N TYR A 266 8.01 -4.47 -15.26
CA TYR A 266 8.20 -4.81 -13.86
C TYR A 266 6.88 -4.61 -13.15
N PHE A 267 6.40 -5.61 -12.39
CA PHE A 267 5.23 -5.42 -11.56
C PHE A 267 5.63 -5.34 -10.09
N GLY A 268 5.21 -4.27 -9.45
CA GLY A 268 5.50 -4.07 -8.06
C GLY A 268 5.27 -2.66 -7.60
N SER A 269 5.95 -2.32 -6.52
CA SER A 269 5.78 -1.04 -5.85
C SER A 269 6.26 0.14 -6.67
N HIS A 270 5.49 1.24 -6.66
CA HIS A 270 5.94 2.45 -7.34
C HIS A 270 7.25 2.99 -6.74
N LEU A 271 7.60 2.56 -5.52
CA LEU A 271 8.86 2.98 -4.91
C LEU A 271 10.06 2.42 -5.69
N VAL A 272 9.86 1.25 -6.29
CA VAL A 272 10.89 0.66 -7.14
C VAL A 272 11.00 1.47 -8.43
N ALA A 273 9.87 1.84 -9.02
CA ALA A 273 9.86 2.67 -10.24
C ALA A 273 10.53 4.01 -9.97
N ASP A 274 10.24 4.60 -8.82
CA ASP A 274 10.91 5.85 -8.41
C ASP A 274 12.44 5.69 -8.38
N ALA A 275 12.87 4.55 -7.86
CA ALA A 275 14.28 4.23 -7.71
C ALA A 275 14.92 4.03 -9.07
N ILE A 276 14.16 3.46 -10.01
CA ILE A 276 14.66 3.28 -11.37
C ILE A 276 14.92 4.64 -12.02
N ILE A 277 13.96 5.53 -11.87
CA ILE A 277 14.09 6.87 -12.43
C ILE A 277 15.21 7.62 -11.78
N LYS A 278 15.39 7.47 -10.48
CA LYS A 278 16.47 8.17 -9.77
C LYS A 278 17.81 7.73 -10.36
N GLU A 279 17.92 6.44 -10.66
CA GLU A 279 19.17 5.87 -11.18
C GLU A 279 19.42 6.26 -12.64
N ARG A 280 18.35 6.38 -13.41
CA ARG A 280 18.42 6.78 -14.82
C ARG A 280 17.32 7.81 -15.16
N PRO A 281 17.60 9.09 -14.90
CA PRO A 281 16.57 10.14 -14.96
C PRO A 281 15.89 10.27 -16.32
N GLY A 282 16.58 9.90 -17.38
CA GLY A 282 16.02 10.06 -18.70
C GLY A 282 15.24 8.86 -19.19
N ILE A 283 15.03 7.86 -18.34
CA ILE A 283 14.33 6.68 -18.80
C ILE A 283 12.86 7.01 -19.02
N ASN A 284 12.30 6.40 -20.06
CA ASN A 284 10.92 6.63 -20.46
C ASN A 284 10.02 5.52 -19.93
N LEU A 285 9.47 5.76 -18.74
CA LEU A 285 8.75 4.75 -18.01
C LEU A 285 7.26 5.03 -18.08
N GLY A 286 6.48 3.99 -18.34
CA GLY A 286 5.04 4.06 -18.26
C GLY A 286 4.55 3.21 -17.11
N ALA A 287 3.30 3.43 -16.69
CA ALA A 287 2.68 2.66 -15.61
C ALA A 287 1.19 2.46 -15.86
N CYS A 288 0.75 1.21 -15.78
CA CYS A 288 -0.65 0.89 -16.00
C CYS A 288 -1.11 -0.21 -15.07
N VAL A 289 -2.41 -0.45 -15.08
CA VAL A 289 -3.00 -1.54 -14.32
C VAL A 289 -2.47 -2.87 -14.81
N LEU A 290 -2.20 -3.79 -13.89
CA LEU A 290 -1.84 -5.15 -14.29
C LEU A 290 -3.10 -5.95 -14.59
N PRO A 291 -3.35 -6.26 -15.88
CA PRO A 291 -4.63 -6.93 -16.17
C PRO A 291 -4.61 -8.43 -15.88
N ILE A 292 -4.75 -8.78 -14.61
CA ILE A 292 -4.56 -10.15 -14.14
C ILE A 292 -5.85 -10.71 -13.57
N THR A 293 -6.87 -9.87 -13.51
CA THR A 293 -8.22 -10.29 -13.14
C THR A 293 -9.24 -9.65 -14.08
N GLU A 294 -10.45 -10.21 -14.12
CA GLU A 294 -11.49 -9.70 -14.99
C GLU A 294 -11.80 -8.24 -14.66
N ASN A 295 -11.63 -7.86 -13.40
CA ASN A 295 -12.00 -6.53 -12.92
C ASN A 295 -10.81 -5.62 -12.61
N ALA A 296 -9.62 -6.00 -13.08
CA ALA A 296 -8.37 -5.30 -12.73
C ALA A 296 -8.42 -3.77 -12.86
N GLN A 297 -9.21 -3.28 -13.81
CA GLN A 297 -9.25 -1.83 -14.09
C GLN A 297 -10.05 -1.07 -13.03
N ASP A 298 -10.72 -1.79 -12.13
CA ASP A 298 -11.61 -1.17 -11.15
C ASP A 298 -10.84 -0.46 -10.05
N VAL A 299 -9.78 -1.08 -9.55
CA VAL A 299 -9.08 -0.57 -8.36
C VAL A 299 -7.60 -0.92 -8.42
N LEU A 300 -6.76 -0.08 -7.82
CA LEU A 300 -5.35 -0.41 -7.62
C LEU A 300 -5.22 -1.06 -6.25
N THR A 301 -4.16 -1.85 -6.06
CA THR A 301 -3.78 -2.25 -4.71
C THR A 301 -2.44 -1.64 -4.31
N GLY A 302 -2.18 -1.64 -3.00
CA GLY A 302 -0.92 -1.15 -2.47
C GLY A 302 -0.85 -1.32 -0.97
N SER A 303 0.06 -0.59 -0.36
CA SER A 303 0.12 -0.49 1.07
C SER A 303 -0.48 0.82 1.54
N LEU A 304 -1.50 0.70 2.40
CA LEU A 304 -2.14 1.85 3.04
C LEU A 304 -1.71 1.93 4.52
N GLU A 305 -0.58 1.32 4.83
CA GLU A 305 -0.04 1.32 6.17
C GLU A 305 0.66 2.64 6.46
N VAL A 306 -0.13 3.70 6.49
CA VAL A 306 0.34 5.05 6.71
C VAL A 306 0.19 5.48 8.16
N GLN A 307 0.86 6.56 8.53
CA GLN A 307 0.72 7.12 9.86
C GLN A 307 -0.42 8.14 9.87
N GLY A 308 -0.98 8.35 11.06
CA GLY A 308 -2.05 9.32 11.23
C GLY A 308 -2.09 9.89 12.62
N LEU A 309 -2.88 10.94 12.79
CA LEU A 309 -3.05 11.61 14.06
C LEU A 309 -4.50 11.41 14.49
N ALA A 310 -4.72 10.71 15.59
CA ALA A 310 -6.05 10.52 16.14
C ALA A 310 -6.30 11.41 17.35
N VAL A 311 -7.57 11.64 17.66
CA VAL A 311 -7.97 12.37 18.87
C VAL A 311 -8.41 11.41 19.97
N HIS A 312 -7.78 11.55 21.14
CA HIS A 312 -8.13 10.79 22.33
C HIS A 312 -9.53 11.16 22.81
N LYS A 313 -10.41 10.16 22.79
CA LYS A 313 -11.83 10.30 23.05
C LYS A 313 -12.11 10.88 24.43
N LYS A 314 -11.31 10.48 25.42
CA LYS A 314 -11.52 10.92 26.80
C LYS A 314 -10.85 12.25 27.10
N SER A 315 -10.24 12.87 26.09
CA SER A 315 -9.66 14.19 26.26
C SER A 315 -10.70 15.24 26.71
N ALA A 316 -10.27 16.15 27.57
CA ALA A 316 -11.12 17.26 27.96
C ALA A 316 -11.08 18.38 26.91
N ARG A 317 -10.31 18.17 25.86
CA ARG A 317 -10.08 19.18 24.82
C ARG A 317 -10.40 18.63 23.41
N VAL A 318 -11.37 17.74 23.31
CA VAL A 318 -11.70 17.12 22.03
C VAL A 318 -12.02 18.16 20.97
N ALA A 319 -12.81 19.19 21.31
CA ALA A 319 -13.15 20.23 20.32
C ALA A 319 -11.90 20.91 19.79
N THR A 320 -10.99 21.27 20.69
CA THR A 320 -9.79 21.96 20.31
C THR A 320 -8.95 21.07 19.39
N ALA A 321 -8.89 19.78 19.73
CA ALA A 321 -8.17 18.81 18.91
C ALA A 321 -8.77 18.72 17.52
N CYS A 322 -10.09 18.70 17.45
CA CYS A 322 -10.73 18.58 16.16
C CYS A 322 -10.53 19.87 15.35
N ARG A 323 -10.55 21.03 16.02
CA ARG A 323 -10.28 22.30 15.35
C ARG A 323 -8.86 22.27 14.78
N ALA A 324 -7.91 21.77 15.55
CA ALA A 324 -6.53 21.71 15.10
C ALA A 324 -6.36 20.81 13.88
N LEU A 325 -7.02 19.65 13.88
CA LEU A 325 -6.89 18.74 12.75
C LEU A 325 -7.46 19.37 11.50
N SER A 326 -8.57 20.10 11.65
CA SER A 326 -9.17 20.80 10.53
C SER A 326 -8.21 21.81 9.90
N VAL A 327 -7.51 22.57 10.74
CA VAL A 327 -6.48 23.50 10.23
C VAL A 327 -5.35 22.71 9.55
N LEU A 328 -4.89 21.64 10.19
CA LEU A 328 -3.81 20.83 9.62
C LEU A 328 -4.21 20.25 8.27
N ALA A 329 -5.50 19.97 8.10
CA ALA A 329 -5.98 19.37 6.86
C ALA A 329 -6.07 20.39 5.71
N SER A 330 -6.03 21.67 6.05
CA SER A 330 -6.22 22.76 5.07
C SER A 330 -5.11 22.75 4.04
N ALA A 331 -5.40 23.24 2.84
CA ALA A 331 -4.43 23.17 1.74
C ALA A 331 -3.14 23.93 2.09
N ALA A 332 -3.29 25.04 2.81
CA ALA A 332 -2.15 25.85 3.22
C ALA A 332 -1.17 25.06 4.07
N TYR A 333 -1.71 24.29 5.02
CA TYR A 333 -0.86 23.49 5.90
C TYR A 333 -0.31 22.26 5.20
N GLN A 334 -1.14 21.60 4.39
CA GLN A 334 -0.65 20.47 3.61
C GLN A 334 0.49 20.90 2.67
N ASN A 335 0.33 22.06 2.06
CA ASN A 335 1.37 22.53 1.13
C ASN A 335 2.69 22.81 1.84
N SER A 336 2.62 23.45 2.99
CA SER A 336 3.79 23.67 3.83
C SER A 336 4.40 22.36 4.29
N PHE A 337 3.56 21.45 4.77
CA PHE A 337 4.01 20.16 5.26
C PHE A 337 4.78 19.36 4.21
N PHE A 338 4.29 19.34 2.98
CA PHE A 338 4.88 18.50 1.95
C PHE A 338 6.04 19.17 1.23
N GLU A 339 6.46 20.34 1.71
CA GLU A 339 7.75 20.89 1.30
C GLU A 339 8.87 20.12 2.01
N GLU A 340 8.50 19.41 3.07
CA GLU A 340 9.42 18.60 3.87
C GLU A 340 9.06 17.12 3.89
N HIS A 341 7.78 16.83 4.04
CA HIS A 341 7.36 15.45 4.22
C HIS A 341 7.40 14.71 2.90
N LYS A 342 7.99 13.52 2.91
CA LYS A 342 8.13 12.67 1.74
C LYS A 342 6.91 11.78 1.54
N GLY A 343 6.72 11.35 0.31
CA GLY A 343 5.70 10.37 0.01
C GLY A 343 4.53 10.99 -0.70
N LEU A 344 3.52 10.16 -0.97
CA LEU A 344 2.34 10.58 -1.67
C LEU A 344 1.48 11.46 -0.77
N PRO A 345 0.84 12.49 -1.34
CA PRO A 345 0.01 13.38 -0.51
C PRO A 345 -1.19 12.65 0.09
N ALA A 346 -1.73 13.23 1.16
CA ALA A 346 -2.93 12.67 1.80
C ALA A 346 -4.19 13.33 1.26
N PHE A 347 -4.04 14.59 0.87
CA PHE A 347 -5.14 15.42 0.42
C PHE A 347 -5.03 15.86 -1.04
N ARG A 348 -6.20 16.08 -1.64
CA ARG A 348 -6.36 16.73 -2.93
C ARG A 348 -5.65 18.08 -3.01
N ASN A 349 -5.03 18.36 -4.17
CA ASN A 349 -4.49 19.70 -4.46
C ASN A 349 -3.36 20.13 -3.52
N THR A 350 -2.48 19.19 -3.21
CA THR A 350 -1.26 19.49 -2.47
C THR A 350 -0.15 19.81 -3.47
N THR A 351 -0.01 21.10 -3.78
CA THR A 351 0.89 21.55 -4.84
C THR A 351 2.34 21.15 -4.62
N SER A 352 2.80 21.17 -3.37
CA SER A 352 4.19 20.89 -3.04
C SER A 352 4.54 19.41 -3.07
N ALA A 353 3.52 18.55 -3.12
CA ALA A 353 3.76 17.13 -3.24
C ALA A 353 4.02 16.81 -4.70
N VAL A 354 5.17 16.19 -4.96
CA VAL A 354 5.54 15.82 -6.31
C VAL A 354 5.02 14.43 -6.68
N ILE A 355 4.24 14.35 -7.75
CA ILE A 355 3.78 13.05 -8.28
C ILE A 355 4.67 12.60 -9.45
N PRO A 356 5.34 11.44 -9.32
CA PRO A 356 6.16 10.91 -10.42
C PRO A 356 5.40 10.83 -11.75
N ALA A 357 6.02 11.29 -12.84
CA ALA A 357 5.34 11.41 -14.13
C ALA A 357 4.73 10.10 -14.59
N CYS A 358 5.41 9.01 -14.29
CA CYS A 358 4.95 7.69 -14.70
C CYS A 358 3.65 7.35 -13.98
N LEU A 359 3.51 7.83 -12.75
CA LEU A 359 2.29 7.61 -11.97
C LEU A 359 1.21 8.62 -12.31
N SER A 360 1.49 9.52 -13.25
CA SER A 360 0.60 10.62 -13.55
C SER A 360 -0.77 10.15 -14.00
N ALA A 361 -0.81 9.19 -14.92
CA ALA A 361 -2.08 8.71 -15.45
C ALA A 361 -2.89 7.99 -14.37
N LEU A 362 -2.22 7.11 -13.62
CA LEU A 362 -2.86 6.34 -12.57
C LEU A 362 -3.25 7.22 -11.40
N PHE A 363 -2.51 8.31 -11.21
CA PHE A 363 -2.89 9.23 -10.16
C PHE A 363 -4.26 9.84 -10.46
N LYS A 364 -4.47 10.27 -11.71
CA LYS A 364 -5.73 10.87 -12.10
C LYS A 364 -6.86 9.85 -12.22
N SER A 365 -6.57 8.65 -12.72
CA SER A 365 -7.62 7.66 -12.95
C SER A 365 -8.05 6.91 -11.69
N HIS A 366 -7.12 6.69 -10.76
CA HIS A 366 -7.41 5.86 -9.60
C HIS A 366 -7.11 6.56 -8.28
N ILE A 367 -5.90 7.04 -8.08
CA ILE A 367 -5.50 7.49 -6.74
C ILE A 367 -6.34 8.70 -6.33
N GLU A 368 -6.52 9.67 -7.22
CA GLU A 368 -7.28 10.87 -6.89
C GLU A 368 -8.74 10.57 -6.59
N LYS A 369 -9.23 9.44 -7.10
CA LYS A 369 -10.62 9.04 -6.94
C LYS A 369 -10.79 8.03 -5.82
N GLY A 370 -9.70 7.73 -5.13
CA GLY A 370 -9.76 6.81 -4.00
C GLY A 370 -9.92 5.34 -4.38
N LYS A 371 -9.64 5.02 -5.64
CA LYS A 371 -9.78 3.67 -6.16
C LYS A 371 -8.53 2.85 -5.84
N VAL A 372 -8.28 2.65 -4.54
CA VAL A 372 -7.11 1.90 -4.07
C VAL A 372 -7.51 1.14 -2.80
N ILE A 373 -7.14 -0.13 -2.71
CA ILE A 373 -7.35 -0.94 -1.52
C ILE A 373 -6.07 -1.61 -1.12
N GLN A 374 -5.97 -1.99 0.15
CA GLN A 374 -4.73 -2.57 0.63
C GLN A 374 -4.55 -4.03 0.22
N ALA A 375 -3.44 -4.29 -0.47
CA ALA A 375 -3.06 -5.64 -0.85
C ALA A 375 -2.79 -6.51 0.37
N ILE A 376 -3.18 -7.79 0.28
CA ILE A 376 -3.10 -8.66 1.45
C ILE A 376 -1.68 -8.90 1.96
N ASP A 377 -0.65 -8.67 1.13
CA ASP A 377 0.74 -8.85 1.60
C ASP A 377 1.26 -7.64 2.37
N ALA A 378 0.47 -6.57 2.43
CA ALA A 378 0.93 -5.33 3.09
C ALA A 378 0.70 -5.40 4.60
N TYR A 379 -0.20 -6.32 5.02
CA TYR A 379 -0.54 -6.45 6.44
C TYR A 379 0.64 -7.06 7.21
N ALA A 380 0.82 -6.65 8.47
CA ALA A 380 1.89 -7.18 9.32
C ALA A 380 1.86 -8.72 9.37
N GLN A 381 0.66 -9.27 9.40
CA GLN A 381 0.47 -10.72 9.54
C GLN A 381 1.06 -11.48 8.36
N ALA A 382 1.17 -10.79 7.23
CA ALA A 382 1.63 -11.41 5.99
C ALA A 382 3.15 -11.54 5.93
N GLN A 383 3.83 -10.79 6.78
CA GLN A 383 5.28 -10.75 6.75
C GLN A 383 5.88 -12.00 7.38
N ASN A 384 7.00 -12.47 6.85
CA ASN A 384 7.83 -13.44 7.55
C ASN A 384 8.82 -12.71 8.44
N THR A 385 8.83 -13.08 9.72
CA THR A 385 9.59 -12.36 10.74
C THR A 385 10.76 -13.20 11.26
N ALA A 389 6.72 -15.54 10.54
CA ALA A 389 6.07 -16.63 9.80
C ALA A 389 4.71 -16.19 9.27
N SER A 390 4.64 -15.98 7.95
CA SER A 390 3.43 -15.44 7.32
C SER A 390 2.19 -16.30 7.51
N VAL A 391 1.03 -15.67 7.55
CA VAL A 391 -0.24 -16.40 7.63
C VAL A 391 -0.68 -16.91 6.26
N PHE A 392 0.05 -16.51 5.23
CA PHE A 392 -0.28 -16.90 3.86
C PHE A 392 0.72 -17.88 3.30
N PRO A 393 0.26 -18.72 2.38
CA PRO A 393 1.18 -19.69 1.77
C PRO A 393 2.13 -19.08 0.78
N ASP A 394 3.31 -19.66 0.65
CA ASP A 394 4.20 -19.35 -0.45
C ASP A 394 3.76 -20.17 -1.66
N PHE A 395 2.69 -19.70 -2.31
CA PHE A 395 2.12 -20.41 -3.46
C PHE A 395 3.14 -20.69 -4.57
N ALA A 396 4.06 -19.77 -4.81
CA ALA A 396 5.01 -19.93 -5.91
C ALA A 396 5.90 -21.16 -5.68
N ALA A 397 6.11 -21.52 -4.42
CA ALA A 397 6.92 -22.68 -4.09
C ALA A 397 6.25 -23.97 -4.56
N TYR A 398 4.94 -23.94 -4.74
CA TYR A 398 4.19 -25.11 -5.19
C TYR A 398 4.32 -25.34 -6.70
N VAL A 399 4.84 -24.34 -7.41
CA VAL A 399 4.86 -24.36 -8.86
C VAL A 399 6.17 -24.97 -9.35
N THR A 400 6.18 -26.28 -9.53
CA THR A 400 7.35 -26.97 -10.05
C THR A 400 7.01 -27.57 -11.40
N ASP A 401 7.95 -28.26 -12.01
N ASP A 401 7.95 -28.32 -11.93
CA ASP A 401 7.70 -28.99 -13.25
CA ASP A 401 7.75 -29.03 -13.17
C ASP A 401 7.48 -30.46 -12.91
C ASP A 401 7.49 -30.50 -12.89
N PRO A 402 6.35 -31.03 -13.32
CA PRO A 402 5.23 -30.41 -14.05
C PRO A 402 4.34 -29.60 -13.11
N ALA A 403 3.84 -28.48 -13.63
CA ALA A 403 3.00 -27.57 -12.85
C ALA A 403 1.70 -28.24 -12.39
N PRO A 404 1.32 -28.00 -11.12
CA PRO A 404 0.04 -28.45 -10.60
C PRO A 404 -1.12 -27.60 -11.11
N THR A 405 -2.34 -28.03 -10.83
CA THR A 405 -3.51 -27.18 -11.08
C THR A 405 -3.74 -26.27 -9.89
N ALA A 406 -4.62 -25.29 -10.06
CA ALA A 406 -4.99 -24.41 -8.96
C ALA A 406 -5.67 -25.20 -7.85
N HIS A 407 -6.43 -26.23 -8.22
CA HIS A 407 -7.04 -27.09 -7.23
C HIS A 407 -5.98 -27.72 -6.33
N THR A 408 -4.91 -28.23 -6.95
CA THR A 408 -3.85 -28.89 -6.21
C THR A 408 -3.11 -27.89 -5.34
N MET A 409 -2.88 -26.68 -5.83
CA MET A 409 -2.24 -25.64 -5.01
C MET A 409 -3.08 -25.33 -3.76
N LEU A 410 -4.40 -25.31 -3.87
CA LEU A 410 -5.21 -25.04 -2.69
C LEU A 410 -5.14 -26.21 -1.73
N HIS A 411 -5.09 -27.44 -2.23
CA HIS A 411 -4.96 -28.60 -1.34
C HIS A 411 -3.64 -28.56 -0.60
N ARG A 412 -2.58 -28.20 -1.31
CA ARG A 412 -1.25 -28.17 -0.74
C ARG A 412 -1.22 -27.12 0.36
N ALA A 413 -1.83 -25.96 0.10
CA ALA A 413 -1.89 -24.90 1.10
C ALA A 413 -2.58 -25.40 2.36
N GLN A 414 -3.67 -26.16 2.19
CA GLN A 414 -4.45 -26.64 3.33
C GLN A 414 -3.74 -27.75 4.06
N THR A 415 -2.96 -28.55 3.32
CA THR A 415 -2.22 -29.65 3.92
C THR A 415 -1.13 -29.10 4.84
N GLU A 416 -0.50 -28.01 4.43
CA GLU A 416 0.53 -27.38 5.24
C GLU A 416 -0.08 -26.70 6.46
N ALA A 417 -1.35 -26.31 6.35
CA ALA A 417 -2.05 -25.70 7.47
C ALA A 417 -2.08 -26.65 8.65
N ARG A 418 -2.67 -27.82 8.43
CA ARG A 418 -2.81 -28.81 9.49
C ARG A 418 -1.43 -29.33 9.90
BR BR B . 3.26 -16.50 -4.12
CL CL C . 17.86 -4.35 -2.66
CL CL D . -16.62 9.42 18.80
C1 EDO E . 2.85 -3.09 -1.00
O1 EDO E . 2.94 -2.56 -2.32
C2 EDO E . 1.91 -4.29 -0.92
O2 EDO E . 1.66 -4.95 -2.15
H11 EDO E . 3.84 -3.38 -0.68
H12 EDO E . 2.50 -2.31 -0.32
HO1 EDO E . 3.54 -1.79 -2.32
H21 EDO E . 2.34 -5.01 -0.21
H22 EDO E . 0.96 -3.95 -0.50
HO2 EDO E . 1.06 -5.69 -2.01
#